data_6Z5D
#
_entry.id   6Z5D
#
_cell.length_a   78.357
_cell.length_b   78.839
_cell.length_c   81.055
_cell.angle_alpha   90.000
_cell.angle_beta   90.000
_cell.angle_gamma   90.000
#
_symmetry.space_group_name_H-M   'P 21 21 21'
#
loop_
_entity.id
_entity.type
_entity.pdbx_description
1 polymer 'Serine/threonine-protein kinase haspin'
2 non-polymer (4S)-2-METHYL-2,4-PENTANEDIOL
3 non-polymer 'DIMETHYL SULFOXIDE'
4 non-polymer 'SUCCINIC ACID'
5 non-polymer 11-methyl-8,11,14,18,19,22-hexazatetracyclo[13.5.2.12,6.018,21]tricosa-1(21),2(23),3,5,15(22),16,19-heptaen-7-one
6 non-polymer 'SODIUM ION'
7 water water
#
_entity_poly.entity_id   1
_entity_poly.type   'polypeptide(L)'
_entity_poly.pdbx_seq_one_letter_code
;MHHHHHHSSGVDLGTENLYFQSMGECSQKGPVPFSHCLPTEKLQRCEKIGEGVFGEVFQTIADHTPVAIKIIAIEGPDLV
NGSHQKTFEEILPEIIISKELSLLSGEVCNRTEGFIGLNSVHCVQGSYPPLLLKAWDHYNSTKGSANDRPDFFKDDQLFI
VLEFEFGGIDLEQMRTKLSSLATAKSILHQLTASLAVAEASLRFEHRDLHWGNVLLKKTSLKKLHYTLNGKSSTIPSCGL
QVSIIDYTLSRLERDGIVVFCDVSMDEDLFTGDGDYQFDIYRLMKKENNNRWGEYHPYSNVLWLHYLTDKMLKQMTFKTK
CNTPAMKQIKRKIQEFHRTMLNFSSATDLLCQHSLFK
;
_entity_poly.pdbx_strand_id   A
#
loop_
_chem_comp.id
_chem_comp.type
_chem_comp.name
_chem_comp.formula
DMS non-polymer 'DIMETHYL SULFOXIDE' 'C2 H6 O S'
MPD non-polymer (4S)-2-METHYL-2,4-PENTANEDIOL 'C6 H14 O2'
NA non-polymer 'SODIUM ION' 'Na 1'
Q8Q non-polymer 11-methyl-8,11,14,18,19,22-hexazatetracyclo[13.5.2.12,6.018,21]tricosa-1(21),2(23),3,5,15(22),16,19-heptaen-7-one 'C18 H20 N6 O'
SIN non-polymer 'SUCCINIC ACID' 'C4 H6 O4'
#
# COMPACT_ATOMS: atom_id res chain seq x y z
N LYS A 29 30.14 -2.12 0.26
CA LYS A 29 29.91 -3.27 -0.66
C LYS A 29 29.59 -4.55 0.14
N GLY A 30 28.84 -4.39 1.24
CA GLY A 30 28.46 -5.48 2.16
C GLY A 30 27.46 -4.93 3.20
N PRO A 31 26.90 -5.78 4.06
CA PRO A 31 25.93 -5.27 5.06
C PRO A 31 26.49 -4.26 6.08
N VAL A 32 25.62 -3.38 6.57
CA VAL A 32 25.98 -2.30 7.52
C VAL A 32 25.36 -2.60 8.89
N PRO A 33 25.89 -1.97 9.96
CA PRO A 33 25.28 -2.18 11.27
C PRO A 33 24.02 -1.41 11.30
N PHE A 34 23.15 -1.78 12.22
CA PHE A 34 21.92 -1.03 12.32
C PHE A 34 22.17 0.48 12.46
N SER A 35 23.20 0.82 13.23
CA SER A 35 23.52 2.23 13.51
C SER A 35 23.75 3.09 12.27
N HIS A 36 24.02 2.48 11.12
CA HIS A 36 24.16 3.21 9.87
C HIS A 36 22.87 3.83 9.33
N CYS A 37 21.73 3.19 9.48
CA CYS A 37 20.50 3.88 9.06
C CYS A 37 19.61 4.28 10.24
N LEU A 38 19.98 3.86 11.44
CA LEU A 38 19.30 4.30 12.63
C LEU A 38 20.37 4.78 13.65
N PRO A 39 20.97 5.97 13.41
CA PRO A 39 21.88 6.55 14.39
C PRO A 39 21.09 6.80 15.65
N THR A 40 21.78 7.05 16.75
CA THR A 40 21.18 6.99 18.09
C THR A 40 19.91 7.84 18.22
N GLU A 41 19.93 9.09 17.74
CA GLU A 41 18.78 9.97 18.01
C GLU A 41 17.55 9.49 17.24
N LYS A 42 17.79 8.97 16.06
CA LYS A 42 16.75 8.41 15.23
C LYS A 42 16.16 7.13 15.86
N LEU A 43 17.03 6.28 16.40
CA LEU A 43 16.59 5.07 17.11
C LEU A 43 15.81 5.40 18.38
N GLN A 44 16.27 6.41 19.10
CA GLN A 44 15.63 6.82 20.35
C GLN A 44 14.23 7.36 20.11
N ARG A 45 13.92 7.82 18.89
CA ARG A 45 12.59 8.35 18.58
C ARG A 45 11.68 7.35 17.86
N CYS A 46 12.11 6.10 17.70
CA CYS A 46 11.29 5.08 17.04
C CYS A 46 10.11 4.69 17.92
N GLU A 47 8.93 4.66 17.32
CA GLU A 47 7.73 4.12 17.96
CA GLU A 47 7.71 4.14 17.95
C GLU A 47 7.12 3.10 16.98
N LYS A 48 6.72 1.94 17.49
CA LYS A 48 6.15 0.95 16.59
C LYS A 48 4.76 1.39 16.13
N ILE A 49 4.49 1.27 14.84
CA ILE A 49 3.19 1.62 14.28
C ILE A 49 2.42 0.48 13.62
N GLY A 50 3.05 -0.65 13.36
CA GLY A 50 2.32 -1.73 12.75
C GLY A 50 3.20 -2.96 12.61
N GLU A 51 2.60 -4.01 12.07
CA GLU A 51 3.27 -5.32 12.02
C GLU A 51 2.61 -6.25 11.00
N GLY A 52 3.30 -7.32 10.63
CA GLY A 52 2.64 -8.41 9.93
C GLY A 52 3.56 -9.60 10.07
N VAL A 53 3.19 -10.72 9.42
CA VAL A 53 4.09 -11.89 9.42
C VAL A 53 5.46 -11.48 8.89
N PHE A 54 5.53 -10.61 7.89
CA PHE A 54 6.81 -10.15 7.34
C PHE A 54 7.81 -9.56 8.33
N GLY A 55 7.35 -9.04 9.49
CA GLY A 55 8.20 -8.13 10.27
C GLY A 55 7.47 -6.97 10.94
N GLU A 56 8.15 -5.84 11.03
CA GLU A 56 7.78 -4.75 11.88
C GLU A 56 7.86 -3.41 11.12
N VAL A 57 7.00 -2.46 11.50
CA VAL A 57 7.05 -1.08 10.99
C VAL A 57 7.10 -0.10 12.13
N PHE A 58 8.08 0.80 12.07
CA PHE A 58 8.28 1.84 13.08
C PHE A 58 8.16 3.20 12.44
N GLN A 59 7.78 4.20 13.23
CA GLN A 59 7.82 5.59 12.80
CA GLN A 59 7.83 5.61 12.79
C GLN A 59 8.92 6.28 13.57
N THR A 60 9.67 7.15 12.92
CA THR A 60 10.64 7.94 13.64
C THR A 60 10.75 9.33 12.97
N ILE A 61 11.73 10.12 13.33
CA ILE A 61 11.83 11.52 12.89
CA ILE A 61 11.83 11.47 12.78
C ILE A 61 13.28 11.81 12.56
N ALA A 62 13.56 12.45 11.43
CA ALA A 62 14.91 13.04 11.22
C ALA A 62 14.69 14.34 10.40
N ASP A 63 15.48 15.37 10.68
CA ASP A 63 15.32 16.70 10.05
C ASP A 63 13.83 17.09 10.11
N HIS A 64 13.27 16.97 11.34
CA HIS A 64 11.93 17.49 11.68
C HIS A 64 10.83 16.81 10.91
N THR A 65 11.12 15.68 10.27
CA THR A 65 10.24 15.05 9.30
C THR A 65 9.99 13.59 9.61
N PRO A 66 8.72 13.20 9.76
CA PRO A 66 8.47 11.78 10.09
C PRO A 66 8.77 10.85 8.95
N VAL A 67 9.25 9.65 9.26
CA VAL A 67 9.49 8.61 8.32
C VAL A 67 9.02 7.26 8.89
N ALA A 68 8.76 6.32 8.00
CA ALA A 68 8.35 4.94 8.34
C ALA A 68 9.49 4.02 7.98
N ILE A 69 9.75 3.07 8.87
CA ILE A 69 10.86 2.13 8.73
C ILE A 69 10.28 0.72 8.76
N LYS A 70 10.41 -0.02 7.66
CA LYS A 70 9.98 -1.39 7.50
C LYS A 70 11.20 -2.29 7.61
N ILE A 71 11.15 -3.25 8.57
CA ILE A 71 12.31 -4.09 8.86
C ILE A 71 11.94 -5.56 8.69
N ILE A 72 12.65 -6.23 7.79
CA ILE A 72 12.36 -7.62 7.37
C ILE A 72 13.61 -8.47 7.55
N ALA A 73 13.55 -9.51 8.40
CA ALA A 73 14.62 -10.48 8.52
C ALA A 73 14.74 -11.30 7.24
N ILE A 74 15.96 -11.51 6.76
CA ILE A 74 16.23 -12.38 5.61
C ILE A 74 17.34 -13.40 5.80
N GLU A 75 17.25 -14.48 5.01
CA GLU A 75 18.35 -15.38 4.79
C GLU A 75 18.68 -16.36 5.91
N GLY A 76 17.99 -16.28 7.05
CA GLY A 76 18.31 -17.10 8.20
C GLY A 76 17.39 -18.32 8.33
N PRO A 77 17.75 -19.22 9.26
CA PRO A 77 17.02 -20.50 9.33
C PRO A 77 15.88 -20.53 10.37
N ASP A 78 15.78 -19.54 11.22
CA ASP A 78 14.72 -19.49 12.21
C ASP A 78 13.36 -19.17 11.57
N LEU A 79 12.32 -19.80 12.07
CA LEU A 79 10.97 -19.28 11.82
C LEU A 79 10.86 -17.92 12.50
N VAL A 80 10.12 -17.03 11.87
CA VAL A 80 9.85 -15.68 12.37
C VAL A 80 8.37 -15.48 12.22
N ASN A 81 7.67 -15.27 13.33
CA ASN A 81 6.21 -15.13 13.29
C ASN A 81 5.52 -16.32 12.59
N GLY A 82 6.15 -17.49 12.74
CA GLY A 82 5.60 -18.77 12.28
C GLY A 82 5.93 -19.11 10.82
N SER A 83 6.68 -18.26 10.11
CA SER A 83 6.97 -18.48 8.70
C SER A 83 8.47 -18.46 8.47
N HIS A 84 8.92 -19.09 7.38
CA HIS A 84 10.33 -19.00 6.96
C HIS A 84 10.66 -17.63 6.48
N GLN A 85 11.92 -17.24 6.72
CA GLN A 85 12.43 -15.95 6.21
C GLN A 85 12.63 -16.01 4.72
N LYS A 86 12.34 -14.89 4.04
CA LYS A 86 12.68 -14.78 2.64
C LYS A 86 14.20 -14.74 2.43
N THR A 87 14.63 -15.23 1.27
CA THR A 87 15.98 -15.06 0.79
C THR A 87 16.14 -13.66 0.16
N PHE A 88 17.38 -13.30 -0.13
CA PHE A 88 17.62 -12.03 -0.80
C PHE A 88 16.88 -11.98 -2.17
N GLU A 89 16.91 -13.08 -2.88
CA GLU A 89 16.27 -13.15 -4.20
C GLU A 89 14.74 -12.99 -4.05
N GLU A 90 14.18 -13.52 -2.98
CA GLU A 90 12.75 -13.37 -2.75
C GLU A 90 12.30 -11.98 -2.30
N ILE A 91 13.18 -11.22 -1.65
CA ILE A 91 12.82 -9.86 -1.17
C ILE A 91 13.09 -8.82 -2.26
N LEU A 92 13.93 -9.14 -3.24
CA LEU A 92 14.26 -8.18 -4.28
C LEU A 92 13.06 -7.58 -5.00
N PRO A 93 12.05 -8.40 -5.37
CA PRO A 93 10.90 -7.77 -6.06
C PRO A 93 10.27 -6.62 -5.30
N GLU A 94 9.99 -6.78 -3.99
CA GLU A 94 9.44 -5.66 -3.20
C GLU A 94 10.35 -4.43 -3.25
N ILE A 95 11.65 -4.62 -3.13
CA ILE A 95 12.61 -3.49 -3.22
C ILE A 95 12.52 -2.74 -4.58
N ILE A 96 12.57 -3.52 -5.65
CA ILE A 96 12.54 -2.99 -7.03
C ILE A 96 11.25 -2.22 -7.29
N ILE A 97 10.14 -2.82 -6.90
CA ILE A 97 8.84 -2.20 -7.09
C ILE A 97 8.66 -0.95 -6.26
N SER A 98 9.08 -0.98 -4.99
CA SER A 98 9.06 0.21 -4.16
C SER A 98 9.78 1.41 -4.84
N LYS A 99 10.99 1.18 -5.40
CA LYS A 99 11.73 2.21 -6.10
C LYS A 99 10.97 2.70 -7.34
N GLU A 100 10.49 1.78 -8.18
CA GLU A 100 9.84 2.20 -9.43
C GLU A 100 8.59 3.03 -9.19
N LEU A 101 7.81 2.66 -8.17
CA LEU A 101 6.58 3.38 -7.88
C LEU A 101 6.86 4.76 -7.23
N SER A 102 7.91 4.81 -6.40
CA SER A 102 8.34 6.08 -5.86
C SER A 102 8.78 7.06 -6.93
N LEU A 103 9.48 6.57 -7.94
CA LEU A 103 10.01 7.38 -9.01
C LEU A 103 8.93 8.00 -9.87
N LEU A 104 7.70 7.46 -9.83
CA LEU A 104 6.59 8.07 -10.60
C LEU A 104 6.27 9.50 -10.19
N SER A 105 6.64 9.88 -8.95
CA SER A 105 6.44 11.30 -8.52
C SER A 105 7.24 12.33 -9.25
N GLY A 106 8.33 11.90 -9.89
CA GLY A 106 9.22 12.76 -10.59
C GLY A 106 9.26 12.55 -12.11
N GLU A 107 8.35 11.73 -12.63
CA GLU A 107 8.29 11.53 -14.07
C GLU A 107 7.41 12.59 -14.74
N VAL A 108 7.29 12.51 -16.06
CA VAL A 108 6.61 13.52 -16.87
C VAL A 108 5.35 12.99 -17.58
N CYS A 109 5.48 11.98 -18.45
CA CYS A 109 4.34 11.47 -19.21
C CYS A 109 3.38 10.69 -18.33
N ASN A 110 3.94 9.91 -17.40
CA ASN A 110 3.14 9.14 -16.42
C ASN A 110 3.64 9.47 -15.01
N ARG A 111 2.94 10.38 -14.36
CA ARG A 111 3.33 10.99 -13.09
C ARG A 111 2.21 10.90 -12.05
N THR A 112 2.56 10.40 -10.88
CA THR A 112 1.65 10.39 -9.73
C THR A 112 2.44 10.38 -8.43
N GLU A 113 1.86 11.02 -7.41
CA GLU A 113 2.40 10.96 -6.02
C GLU A 113 1.58 10.02 -5.14
N GLY A 114 0.74 9.20 -5.75
CA GLY A 114 -0.19 8.32 -5.05
C GLY A 114 0.35 7.03 -4.46
N PHE A 115 1.60 6.72 -4.75
CA PHE A 115 2.29 5.63 -4.08
C PHE A 115 2.97 6.24 -2.85
N ILE A 116 3.98 5.59 -2.29
CA ILE A 116 4.66 6.11 -1.09
C ILE A 116 6.09 6.39 -1.50
N GLY A 117 6.66 7.48 -1.02
CA GLY A 117 8.02 7.75 -1.36
C GLY A 117 9.02 6.82 -0.65
N LEU A 118 10.00 6.35 -1.38
CA LEU A 118 11.10 5.55 -0.84
C LEU A 118 12.36 6.40 -0.65
N ASN A 119 12.81 6.55 0.59
CA ASN A 119 14.01 7.31 0.88
C ASN A 119 15.32 6.52 0.73
N SER A 120 15.34 5.26 1.21
CA SER A 120 16.57 4.44 1.17
C SER A 120 16.24 2.99 1.46
N VAL A 121 17.18 2.15 1.07
CA VAL A 121 17.11 0.72 1.37
CA VAL A 121 17.11 0.74 1.42
C VAL A 121 18.53 0.26 1.75
N HIS A 122 18.63 -0.51 2.84
CA HIS A 122 19.89 -1.05 3.32
C HIS A 122 19.75 -2.49 3.69
N CYS A 123 20.85 -3.22 3.52
CA CYS A 123 21.01 -4.54 4.14
C CYS A 123 21.88 -4.38 5.38
N VAL A 124 21.29 -4.74 6.52
CA VAL A 124 21.87 -4.53 7.82
C VAL A 124 22.21 -5.89 8.41
N GLN A 125 23.26 -5.97 9.22
CA GLN A 125 23.59 -7.18 9.95
C GLN A 125 23.73 -6.88 11.44
N GLY A 126 23.09 -7.69 12.28
CA GLY A 126 23.20 -7.55 13.74
C GLY A 126 22.00 -8.11 14.47
N SER A 127 22.15 -8.21 15.80
CA SER A 127 21.01 -8.55 16.63
C SER A 127 20.01 -7.37 16.62
N TYR A 128 18.79 -7.59 17.08
CA TYR A 128 17.77 -6.51 17.06
C TYR A 128 18.14 -5.44 18.08
N PRO A 129 18.16 -4.15 17.68
CA PRO A 129 18.54 -3.16 18.65
C PRO A 129 17.66 -3.13 19.92
N PRO A 130 18.26 -3.11 21.11
CA PRO A 130 17.49 -2.94 22.34
C PRO A 130 16.45 -1.83 22.31
N LEU A 131 16.78 -0.68 21.71
CA LEU A 131 15.83 0.45 21.63
C LEU A 131 14.58 0.11 20.77
N LEU A 132 14.75 -0.69 19.71
CA LEU A 132 13.62 -1.16 18.94
C LEU A 132 12.79 -2.20 19.74
N LEU A 133 13.45 -3.05 20.51
CA LEU A 133 12.75 -4.00 21.39
C LEU A 133 11.92 -3.24 22.42
N LYS A 134 12.45 -2.13 22.94
CA LYS A 134 11.69 -1.26 23.83
C LYS A 134 10.39 -0.73 23.17
N ALA A 135 10.51 -0.19 21.95
CA ALA A 135 9.35 0.23 21.16
C ALA A 135 8.35 -0.91 20.91
N TRP A 136 8.91 -2.10 20.64
CA TRP A 136 8.10 -3.30 20.34
C TRP A 136 7.30 -3.68 21.56
N ASP A 137 7.96 -3.67 22.71
CA ASP A 137 7.28 -3.96 23.98
C ASP A 137 6.17 -2.97 24.36
N HIS A 138 6.42 -1.67 24.15
CA HIS A 138 5.38 -0.67 24.38
C HIS A 138 4.14 -0.94 23.53
N TYR A 139 4.32 -1.27 22.24
CA TYR A 139 3.16 -1.60 21.38
C TYR A 139 2.43 -2.85 21.89
N ASN A 140 3.19 -3.86 22.30
CA ASN A 140 2.59 -5.13 22.76
C ASN A 140 1.71 -4.86 23.98
N SER A 141 2.20 -3.99 24.86
CA SER A 141 1.53 -3.64 26.13
C SER A 141 0.27 -2.82 25.96
N THR A 142 0.18 -2.08 24.87
CA THR A 142 -0.89 -1.14 24.64
C THR A 142 -1.87 -1.64 23.57
N LYS A 143 -1.38 -2.12 22.42
CA LYS A 143 -2.24 -2.60 21.34
C LYS A 143 -2.28 -4.13 21.28
N GLY A 144 -1.23 -4.78 21.72
CA GLY A 144 -1.12 -6.23 21.59
C GLY A 144 -0.55 -6.64 20.23
N SER A 145 0.24 -7.69 20.26
CA SER A 145 0.94 -8.14 19.07
C SER A 145 0.67 -9.62 18.81
N ALA A 146 0.56 -9.95 17.53
CA ALA A 146 0.49 -11.32 17.05
C ALA A 146 1.92 -11.88 16.74
N ASN A 147 2.94 -11.04 16.80
CA ASN A 147 4.31 -11.45 16.43
C ASN A 147 5.13 -11.95 17.61
N ASP A 148 6.18 -12.71 17.31
CA ASP A 148 7.18 -13.07 18.30
C ASP A 148 7.99 -11.82 18.67
N ARG A 149 8.34 -11.70 19.94
CA ARG A 149 9.21 -10.61 20.35
C ARG A 149 10.54 -10.84 19.64
N PRO A 150 11.04 -9.82 18.89
CA PRO A 150 12.21 -10.17 18.03
C PRO A 150 13.57 -10.10 18.72
N ASP A 151 13.73 -10.88 19.77
CA ASP A 151 14.89 -10.80 20.61
C ASP A 151 15.78 -12.05 20.46
N PHE A 152 15.51 -12.90 19.46
CA PHE A 152 16.20 -14.19 19.34
C PHE A 152 17.21 -14.21 18.19
N PHE A 153 17.40 -13.07 17.51
CA PHE A 153 18.35 -12.96 16.42
C PHE A 153 19.79 -12.83 16.93
N LYS A 154 20.73 -13.50 16.27
CA LYS A 154 22.16 -13.39 16.56
C LYS A 154 22.83 -12.23 15.80
N ASP A 155 24.06 -11.96 16.17
CA ASP A 155 24.84 -10.85 15.58
C ASP A 155 25.21 -11.04 14.09
N ASP A 156 25.00 -12.24 13.52
CA ASP A 156 25.19 -12.44 12.06
C ASP A 156 23.88 -12.32 11.26
N GLN A 157 22.75 -12.02 11.92
CA GLN A 157 21.47 -12.01 11.24
C GLN A 157 21.40 -10.84 10.25
N LEU A 158 20.94 -11.12 9.04
CA LEU A 158 20.66 -10.09 8.03
C LEU A 158 19.19 -9.61 8.03
N PHE A 159 19.00 -8.32 7.76
CA PHE A 159 17.71 -7.72 7.60
C PHE A 159 17.78 -6.80 6.35
N ILE A 160 16.63 -6.59 5.75
CA ILE A 160 16.42 -5.42 4.88
C ILE A 160 15.69 -4.37 5.69
N VAL A 161 16.23 -3.14 5.67
CA VAL A 161 15.59 -1.98 6.28
C VAL A 161 15.21 -0.96 5.18
N LEU A 162 13.90 -0.76 4.99
CA LEU A 162 13.38 0.18 4.00
C LEU A 162 12.88 1.42 4.72
N GLU A 163 13.36 2.58 4.30
CA GLU A 163 12.90 3.83 4.91
C GLU A 163 12.01 4.53 3.85
N PHE A 164 10.79 4.79 4.24
CA PHE A 164 9.74 5.43 3.42
C PHE A 164 9.29 6.76 4.01
N GLU A 165 8.76 7.62 3.14
CA GLU A 165 7.88 8.70 3.53
C GLU A 165 6.80 8.19 4.51
N PHE A 166 6.48 8.99 5.51
CA PHE A 166 5.39 8.69 6.45
C PHE A 166 4.08 9.09 5.71
N GLY A 167 3.20 8.12 5.51
CA GLY A 167 1.98 8.32 4.72
C GLY A 167 0.70 8.55 5.49
N GLY A 168 0.76 8.60 6.81
CA GLY A 168 -0.45 8.82 7.61
C GLY A 168 -0.97 7.55 8.26
N ILE A 169 -2.29 7.38 8.25
CA ILE A 169 -2.94 6.27 8.96
CA ILE A 169 -2.98 6.29 8.98
C ILE A 169 -3.79 5.48 7.96
N ASP A 170 -3.88 4.16 8.15
CA ASP A 170 -4.57 3.34 7.16
C ASP A 170 -6.12 3.52 7.21
N LEU A 171 -6.72 3.22 6.05
CA LEU A 171 -8.17 3.36 5.83
C LEU A 171 -8.98 2.55 6.85
N GLU A 172 -8.52 1.35 7.17
CA GLU A 172 -9.21 0.50 8.14
C GLU A 172 -9.30 1.19 9.51
N GLN A 173 -8.18 1.73 9.97
CA GLN A 173 -8.14 2.43 11.25
C GLN A 173 -8.93 3.73 11.21
N MET A 174 -9.23 4.24 10.02
CA MET A 174 -10.03 5.46 9.85
C MET A 174 -11.50 5.12 9.53
N ARG A 175 -11.91 3.89 9.85
CA ARG A 175 -13.29 3.44 9.60
C ARG A 175 -14.39 4.39 10.07
N THR A 176 -14.18 5.04 11.23
CA THR A 176 -15.22 5.91 11.85
C THR A 176 -14.82 7.36 11.89
N LYS A 177 -13.78 7.70 11.13
CA LYS A 177 -13.13 9.00 11.28
C LYS A 177 -13.32 9.96 10.11
N LEU A 178 -13.86 9.54 8.99
CA LEU A 178 -13.94 10.40 7.84
C LEU A 178 -15.20 11.25 7.84
N SER A 179 -15.15 12.34 7.09
CA SER A 179 -16.22 13.34 7.17
C SER A 179 -17.57 12.90 6.52
N SER A 180 -17.48 12.43 5.28
CA SER A 180 -18.68 12.14 4.48
C SER A 180 -18.30 11.32 3.27
N LEU A 181 -19.29 10.82 2.54
CA LEU A 181 -19.02 10.11 1.28
C LEU A 181 -18.31 10.95 0.22
N ALA A 182 -18.32 12.27 0.35
CA ALA A 182 -17.54 13.11 -0.57
C ALA A 182 -16.05 12.78 -0.41
N THR A 183 -15.61 12.54 0.82
CA THR A 183 -14.23 12.12 1.09
C THR A 183 -13.95 10.75 0.47
N ALA A 184 -14.90 9.82 0.57
CA ALA A 184 -14.81 8.51 -0.06
C ALA A 184 -14.60 8.61 -1.58
N LYS A 185 -15.35 9.49 -2.22
CA LYS A 185 -15.20 9.75 -3.68
C LYS A 185 -13.76 10.18 -4.00
N SER A 186 -13.25 11.14 -3.26
CA SER A 186 -11.88 11.62 -3.50
C SER A 186 -10.88 10.48 -3.34
N ILE A 187 -11.03 9.66 -2.29
CA ILE A 187 -10.15 8.51 -2.03
C ILE A 187 -10.19 7.53 -3.19
N LEU A 188 -11.39 7.17 -3.65
CA LEU A 188 -11.47 6.26 -4.82
C LEU A 188 -10.90 6.81 -6.11
N HIS A 189 -11.13 8.11 -6.35
CA HIS A 189 -10.56 8.80 -7.48
C HIS A 189 -9.03 8.78 -7.42
N GLN A 190 -8.46 9.11 -6.25
CA GLN A 190 -7.00 9.12 -6.09
C GLN A 190 -6.40 7.73 -6.37
N LEU A 191 -7.02 6.71 -5.79
CA LEU A 191 -6.56 5.34 -5.95
C LEU A 191 -6.61 4.91 -7.41
N THR A 192 -7.72 5.23 -8.08
CA THR A 192 -7.90 4.83 -9.49
C THR A 192 -6.86 5.53 -10.38
N ALA A 193 -6.61 6.82 -10.15
CA ALA A 193 -5.66 7.59 -10.95
C ALA A 193 -4.23 7.03 -10.76
N SER A 194 -3.87 6.75 -9.50
CA SER A 194 -2.55 6.17 -9.19
C SER A 194 -2.31 4.85 -9.90
N LEU A 195 -3.26 3.96 -9.79
CA LEU A 195 -3.19 2.65 -10.42
C LEU A 195 -3.12 2.77 -11.93
N ALA A 196 -3.88 3.72 -12.53
CA ALA A 196 -3.89 3.92 -13.99
C ALA A 196 -2.50 4.37 -14.46
N VAL A 197 -1.92 5.33 -13.77
CA VAL A 197 -0.60 5.84 -14.12
C VAL A 197 0.46 4.71 -14.07
N ALA A 198 0.37 3.88 -13.05
CA ALA A 198 1.27 2.72 -12.90
C ALA A 198 1.03 1.63 -13.96
N GLU A 199 -0.24 1.42 -14.31
CA GLU A 199 -0.57 0.56 -15.46
C GLU A 199 0.12 1.05 -16.75
N ALA A 200 -0.04 2.35 -17.03
CA ALA A 200 0.45 2.93 -18.28
C ALA A 200 1.98 2.86 -18.35
N SER A 201 2.66 3.13 -17.24
CA SER A 201 4.12 3.26 -17.17
CA SER A 201 4.11 3.26 -17.21
C SER A 201 4.81 1.93 -17.02
N LEU A 202 4.24 1.06 -16.20
CA LEU A 202 4.95 -0.14 -15.71
C LEU A 202 4.18 -1.45 -15.83
N ARG A 203 3.01 -1.42 -16.44
CA ARG A 203 2.14 -2.63 -16.48
C ARG A 203 2.00 -3.24 -15.08
N PHE A 204 1.68 -2.34 -14.15
CA PHE A 204 1.58 -2.64 -12.71
C PHE A 204 0.26 -3.26 -12.25
N GLU A 205 0.35 -4.28 -11.39
CA GLU A 205 -0.78 -4.77 -10.60
C GLU A 205 -0.35 -4.77 -9.13
N HIS A 206 -1.15 -4.19 -8.26
CA HIS A 206 -0.81 -4.21 -6.85
C HIS A 206 -0.98 -5.57 -6.23
N ARG A 207 -2.13 -6.19 -6.53
CA ARG A 207 -2.48 -7.56 -6.10
C ARG A 207 -2.82 -7.84 -4.63
N ASP A 208 -2.76 -6.85 -3.76
CA ASP A 208 -3.13 -7.01 -2.38
C ASP A 208 -3.58 -5.70 -1.74
N LEU A 209 -4.46 -4.99 -2.45
CA LEU A 209 -4.80 -3.63 -2.00
C LEU A 209 -5.99 -3.62 -1.03
N HIS A 210 -5.84 -4.38 0.07
CA HIS A 210 -6.83 -4.37 1.14
C HIS A 210 -6.76 -3.03 1.86
N TRP A 211 -7.76 -2.76 2.71
CA TRP A 211 -7.85 -1.40 3.28
C TRP A 211 -6.81 -1.09 4.36
N GLY A 212 -6.02 -2.07 4.76
CA GLY A 212 -4.85 -1.79 5.56
C GLY A 212 -3.67 -1.23 4.77
N ASN A 213 -3.75 -1.26 3.43
CA ASN A 213 -2.68 -0.79 2.52
C ASN A 213 -2.96 0.52 1.78
N VAL A 214 -3.97 1.26 2.27
CA VAL A 214 -4.36 2.56 1.75
C VAL A 214 -4.15 3.55 2.91
N LEU A 215 -3.19 4.44 2.78
CA LEU A 215 -2.91 5.41 3.83
C LEU A 215 -3.48 6.79 3.51
N LEU A 216 -3.89 7.48 4.57
CA LEU A 216 -4.46 8.81 4.51
C LEU A 216 -3.71 9.80 5.41
N LYS A 217 -3.40 10.97 4.82
CA LYS A 217 -2.71 12.04 5.51
C LYS A 217 -3.35 13.37 5.09
N LYS A 218 -3.44 14.31 6.04
CA LYS A 218 -3.90 15.66 5.74
C LYS A 218 -3.05 16.38 4.71
N THR A 219 -3.72 17.14 3.83
CA THR A 219 -3.03 18.06 2.90
C THR A 219 -3.74 19.39 2.90
N SER A 220 -2.97 20.48 2.80
CA SER A 220 -3.53 21.82 2.60
C SER A 220 -3.86 22.09 1.11
N LEU A 221 -3.48 21.18 0.22
CA LEU A 221 -3.76 21.34 -1.20
C LEU A 221 -5.24 21.08 -1.46
N LYS A 222 -5.90 21.98 -2.22
CA LYS A 222 -7.29 21.76 -2.61
C LYS A 222 -7.44 20.72 -3.71
N LYS A 223 -6.45 20.64 -4.58
CA LYS A 223 -6.46 19.63 -5.61
C LYS A 223 -5.09 19.01 -5.80
N LEU A 224 -5.12 17.74 -6.19
CA LEU A 224 -3.93 16.95 -6.46
C LEU A 224 -3.84 16.72 -7.95
N HIS A 225 -2.61 16.58 -8.45
CA HIS A 225 -2.28 16.58 -9.85
C HIS A 225 -1.68 15.27 -10.26
N TYR A 226 -2.11 14.76 -11.39
CA TYR A 226 -1.46 13.57 -12.01
C TYR A 226 -1.36 13.78 -13.55
N THR A 227 -0.52 12.96 -14.20
CA THR A 227 -0.37 12.97 -15.66
C THR A 227 -0.44 11.51 -16.11
N LEU A 228 -1.30 11.23 -17.09
CA LEU A 228 -1.52 9.88 -17.64
C LEU A 228 -1.27 9.98 -19.15
N ASN A 229 -0.28 9.25 -19.63
CA ASN A 229 0.14 9.30 -21.04
C ASN A 229 0.18 10.70 -21.61
N GLY A 230 0.77 11.63 -20.85
CA GLY A 230 0.98 13.00 -21.29
C GLY A 230 -0.17 13.98 -21.07
N LYS A 231 -1.30 13.49 -20.59
CA LYS A 231 -2.49 14.32 -20.31
CA LYS A 231 -2.47 14.32 -20.33
C LYS A 231 -2.63 14.53 -18.80
N SER A 232 -2.52 15.78 -18.37
CA SER A 232 -2.60 16.09 -16.94
C SER A 232 -4.01 16.48 -16.52
N SER A 233 -4.38 16.12 -15.29
CA SER A 233 -5.66 16.56 -14.72
CA SER A 233 -5.67 16.47 -14.73
C SER A 233 -5.53 16.66 -13.21
N THR A 234 -6.64 16.98 -12.54
CA THR A 234 -6.62 17.23 -11.12
C THR A 234 -7.76 16.47 -10.46
N ILE A 235 -7.61 16.28 -9.14
CA ILE A 235 -8.56 15.57 -8.30
C ILE A 235 -8.79 16.42 -7.03
N PRO A 236 -10.04 16.79 -6.73
CA PRO A 236 -10.27 17.53 -5.48
C PRO A 236 -9.92 16.63 -4.32
N SER A 237 -9.14 17.16 -3.36
CA SER A 237 -8.50 16.35 -2.31
C SER A 237 -9.43 16.05 -1.16
N CYS A 238 -10.41 16.91 -0.93
CA CYS A 238 -11.21 16.87 0.32
C CYS A 238 -10.32 16.88 1.54
N GLY A 239 -9.17 17.55 1.41
CA GLY A 239 -8.20 17.69 2.50
C GLY A 239 -7.36 16.47 2.87
N LEU A 240 -7.39 15.42 2.05
CA LEU A 240 -6.59 14.19 2.27
C LEU A 240 -5.79 13.77 1.02
N GLN A 241 -4.59 13.28 1.27
CA GLN A 241 -3.75 12.71 0.27
C GLN A 241 -3.62 11.22 0.57
N VAL A 242 -3.89 10.42 -0.44
CA VAL A 242 -3.84 8.96 -0.35
C VAL A 242 -2.47 8.43 -0.82
N SER A 243 -1.93 7.49 -0.06
CA SER A 243 -0.72 6.73 -0.44
C SER A 243 -1.00 5.20 -0.38
N ILE A 244 -0.73 4.54 -1.50
CA ILE A 244 -0.77 3.07 -1.64
C ILE A 244 0.57 2.51 -1.19
N ILE A 245 0.53 1.49 -0.34
CA ILE A 245 1.72 0.86 0.26
C ILE A 245 1.69 -0.69 0.05
N ASP A 246 2.81 -1.34 0.37
CA ASP A 246 2.95 -2.80 0.53
C ASP A 246 2.95 -3.52 -0.78
N TYR A 247 4.16 -3.73 -1.33
CA TYR A 247 4.30 -4.29 -2.66
C TYR A 247 4.73 -5.75 -2.71
N THR A 248 4.49 -6.43 -1.60
CA THR A 248 4.98 -7.81 -1.43
C THR A 248 4.37 -8.80 -2.43
N LEU A 249 3.14 -8.55 -2.89
CA LEU A 249 2.48 -9.43 -3.89
C LEU A 249 2.41 -8.82 -5.28
N SER A 250 2.97 -7.59 -5.43
CA SER A 250 2.84 -6.81 -6.66
C SER A 250 3.62 -7.30 -7.87
N ARG A 251 3.22 -6.79 -9.03
CA ARG A 251 3.80 -7.18 -10.32
C ARG A 251 3.98 -5.94 -11.19
N LEU A 252 5.08 -5.90 -11.92
CA LEU A 252 5.28 -4.87 -12.97
C LEU A 252 6.31 -5.37 -13.98
N GLU A 253 6.57 -4.59 -15.02
CA GLU A 253 7.59 -4.98 -15.94
C GLU A 253 8.20 -3.76 -16.60
N ARG A 254 9.44 -3.89 -17.03
CA ARG A 254 10.07 -2.88 -17.91
C ARG A 254 10.86 -3.60 -19.00
N ASP A 255 10.60 -3.24 -20.26
CA ASP A 255 11.33 -3.81 -21.43
C ASP A 255 11.24 -5.33 -21.43
N GLY A 256 10.06 -5.82 -21.04
CA GLY A 256 9.75 -7.28 -21.07
C GLY A 256 10.30 -8.07 -19.90
N ILE A 257 10.99 -7.40 -18.97
CA ILE A 257 11.48 -8.11 -17.80
C ILE A 257 10.43 -7.94 -16.72
N VAL A 258 9.86 -9.06 -16.26
CA VAL A 258 8.75 -9.06 -15.29
C VAL A 258 9.28 -9.33 -13.87
N VAL A 259 8.80 -8.54 -12.92
CA VAL A 259 9.14 -8.61 -11.52
C VAL A 259 7.84 -8.89 -10.79
N PHE A 260 7.78 -10.01 -10.08
CA PHE A 260 6.53 -10.38 -9.43
C PHE A 260 6.74 -11.42 -8.33
N CYS A 261 5.69 -11.73 -7.59
CA CYS A 261 5.67 -12.83 -6.61
C CYS A 261 4.83 -14.01 -7.11
N ASP A 262 5.50 -15.13 -7.33
CA ASP A 262 4.85 -16.31 -7.88
C ASP A 262 4.14 -17.04 -6.75
N VAL A 263 2.84 -16.82 -6.66
CA VAL A 263 1.99 -17.49 -5.66
C VAL A 263 1.24 -18.70 -6.22
N SER A 264 1.66 -19.20 -7.38
CA SER A 264 0.93 -20.30 -8.04
C SER A 264 0.78 -21.57 -7.18
N MET A 265 1.70 -21.82 -6.26
CA MET A 265 1.66 -23.03 -5.43
C MET A 265 1.30 -22.73 -3.98
N ASP A 266 0.96 -21.47 -3.69
CA ASP A 266 0.55 -21.10 -2.33
C ASP A 266 -0.84 -21.68 -2.09
N GLU A 267 -1.06 -22.34 -0.96
CA GLU A 267 -2.40 -22.92 -0.74
C GLU A 267 -3.26 -21.88 0.00
N ASP A 268 -2.71 -21.48 1.16
CA ASP A 268 -3.39 -20.63 2.14
C ASP A 268 -3.93 -19.34 1.56
N LEU A 269 -3.21 -18.70 0.63
CA LEU A 269 -3.67 -17.41 0.06
C LEU A 269 -5.10 -17.46 -0.51
N PHE A 270 -5.49 -18.64 -1.00
CA PHE A 270 -6.78 -18.80 -1.69
C PHE A 270 -7.90 -19.48 -0.90
N THR A 271 -7.67 -19.69 0.39
CA THR A 271 -8.63 -20.41 1.23
C THR A 271 -9.12 -19.56 2.41
N GLY A 272 -9.05 -18.25 2.28
CA GLY A 272 -9.59 -17.36 3.31
C GLY A 272 -11.12 -17.23 3.27
N ASP A 273 -11.71 -16.79 4.38
CA ASP A 273 -13.15 -16.52 4.44
CA ASP A 273 -13.17 -16.59 4.50
C ASP A 273 -13.45 -15.38 5.42
N GLY A 274 -14.68 -14.88 5.40
CA GLY A 274 -15.14 -13.86 6.37
C GLY A 274 -15.03 -12.40 5.92
N ASP A 275 -14.50 -12.17 4.73
CA ASP A 275 -14.38 -10.83 4.16
C ASP A 275 -14.25 -11.00 2.65
N TYR A 276 -14.81 -10.06 1.90
CA TYR A 276 -14.67 -9.99 0.44
C TYR A 276 -13.21 -9.99 0.00
N GLN A 277 -12.33 -9.46 0.85
CA GLN A 277 -10.89 -9.51 0.62
C GLN A 277 -10.45 -10.90 0.12
N PHE A 278 -10.91 -11.93 0.79
CA PHE A 278 -10.39 -13.28 0.53
C PHE A 278 -10.94 -13.88 -0.77
N ASP A 279 -12.10 -13.37 -1.19
CA ASP A 279 -12.62 -13.68 -2.52
C ASP A 279 -11.79 -13.03 -3.63
N ILE A 280 -11.23 -11.85 -3.37
CA ILE A 280 -10.39 -11.18 -4.41
C ILE A 280 -9.18 -12.04 -4.80
N TYR A 281 -8.55 -12.70 -3.83
CA TYR A 281 -7.44 -13.60 -4.18
C TYR A 281 -7.91 -14.69 -5.16
N ARG A 282 -9.03 -15.33 -4.86
CA ARG A 282 -9.61 -16.38 -5.71
C ARG A 282 -10.00 -15.85 -7.09
N LEU A 283 -10.60 -14.65 -7.10
CA LEU A 283 -11.01 -14.01 -8.37
C LEU A 283 -9.81 -13.60 -9.26
N MET A 284 -8.72 -13.14 -8.65
CA MET A 284 -7.48 -12.93 -9.38
C MET A 284 -6.97 -14.20 -10.03
N LYS A 285 -6.98 -15.28 -9.27
CA LYS A 285 -6.49 -16.57 -9.78
C LYS A 285 -7.33 -17.08 -10.94
N LYS A 286 -8.64 -16.84 -10.86
CA LYS A 286 -9.54 -17.16 -11.96
C LYS A 286 -9.21 -16.34 -13.19
N GLU A 287 -9.04 -15.02 -13.00
CA GLU A 287 -8.72 -14.10 -14.13
C GLU A 287 -7.42 -14.48 -14.84
N ASN A 288 -6.39 -14.88 -14.09
CA ASN A 288 -5.04 -15.09 -14.70
C ASN A 288 -4.68 -16.56 -14.92
N ASN A 289 -5.63 -17.46 -14.66
CA ASN A 289 -5.44 -18.90 -14.87
C ASN A 289 -4.26 -19.46 -14.09
N ASN A 290 -4.02 -18.85 -12.93
CA ASN A 290 -2.91 -19.17 -12.04
C ASN A 290 -1.51 -18.92 -12.64
N ARG A 291 -1.42 -18.03 -13.63
CA ARG A 291 -0.14 -17.62 -14.26
C ARG A 291 0.16 -16.18 -13.84
N TRP A 292 0.98 -16.03 -12.80
CA TRP A 292 1.15 -14.71 -12.11
C TRP A 292 2.16 -13.83 -12.81
N GLY A 293 2.90 -14.41 -13.74
CA GLY A 293 3.83 -13.60 -14.52
C GLY A 293 3.14 -12.72 -15.55
N GLU A 294 1.95 -13.14 -15.97
CA GLU A 294 1.20 -12.41 -17.00
C GLU A 294 0.71 -11.07 -16.49
N TYR A 295 0.31 -10.19 -17.43
CA TYR A 295 -0.26 -8.92 -17.06
C TYR A 295 -1.80 -8.97 -17.19
N HIS A 296 -2.48 -8.83 -16.06
CA HIS A 296 -3.96 -8.80 -16.00
C HIS A 296 -4.39 -7.61 -15.18
N PRO A 297 -4.48 -6.43 -15.82
CA PRO A 297 -4.80 -5.25 -15.05
C PRO A 297 -6.25 -5.25 -14.50
N TYR A 298 -7.06 -6.22 -14.90
CA TYR A 298 -8.33 -6.45 -14.23
C TYR A 298 -8.18 -6.71 -12.72
N SER A 299 -7.00 -7.18 -12.27
CA SER A 299 -6.84 -7.33 -10.83
C SER A 299 -6.94 -5.97 -10.10
N ASN A 300 -6.50 -4.90 -10.73
CA ASN A 300 -6.63 -3.57 -10.13
C ASN A 300 -8.11 -3.17 -10.00
N VAL A 301 -8.90 -3.52 -10.98
CA VAL A 301 -10.36 -3.28 -10.94
C VAL A 301 -11.02 -4.06 -9.78
N LEU A 302 -10.65 -5.34 -9.65
CA LEU A 302 -11.13 -6.15 -8.54
C LEU A 302 -10.85 -5.50 -7.19
N TRP A 303 -9.60 -5.06 -6.96
CA TRP A 303 -9.28 -4.38 -5.70
C TRP A 303 -10.04 -3.08 -5.50
N LEU A 304 -10.20 -2.28 -6.55
CA LEU A 304 -10.96 -1.05 -6.42
C LEU A 304 -12.43 -1.36 -6.11
N HIS A 305 -12.95 -2.46 -6.64
CA HIS A 305 -14.33 -2.92 -6.29
C HIS A 305 -14.44 -3.28 -4.83
N TYR A 306 -13.48 -4.06 -4.35
CA TYR A 306 -13.37 -4.34 -2.93
C TYR A 306 -13.31 -3.07 -2.06
N LEU A 307 -12.50 -2.09 -2.45
CA LEU A 307 -12.43 -0.83 -1.72
C LEU A 307 -13.73 0.00 -1.77
N THR A 308 -14.37 0.03 -2.93
CA THR A 308 -15.69 0.68 -3.06
C THR A 308 -16.73 0.03 -2.16
N ASP A 309 -16.69 -1.29 -2.07
CA ASP A 309 -17.58 -2.09 -1.25
C ASP A 309 -17.37 -1.75 0.24
N LYS A 310 -16.11 -1.61 0.66
CA LYS A 310 -15.80 -1.15 2.05
C LYS A 310 -16.35 0.24 2.31
N MET A 311 -16.20 1.14 1.35
CA MET A 311 -16.71 2.53 1.50
C MET A 311 -18.22 2.58 1.79
N LEU A 312 -18.95 1.68 1.13
CA LEU A 312 -20.41 1.65 1.19
C LEU A 312 -20.95 0.78 2.31
N LYS A 313 -20.19 -0.21 2.74
CA LYS A 313 -20.70 -1.19 3.72
C LYS A 313 -20.07 -1.17 5.10
N GLN A 314 -18.79 -0.80 5.22
CA GLN A 314 -18.10 -0.87 6.51
CA GLN A 314 -18.08 -0.90 6.51
C GLN A 314 -17.62 0.47 7.05
N MET A 315 -17.24 1.37 6.16
CA MET A 315 -16.96 2.76 6.60
C MET A 315 -18.24 3.40 7.12
N THR A 316 -18.09 4.27 8.13
CA THR A 316 -19.19 5.04 8.65
C THR A 316 -18.73 6.47 8.86
N PHE A 317 -19.55 7.40 8.36
CA PHE A 317 -19.14 8.78 8.24
C PHE A 317 -19.79 9.68 9.27
N LYS A 318 -19.01 10.68 9.66
CA LYS A 318 -19.48 11.64 10.65
C LYS A 318 -20.76 12.39 10.23
N THR A 319 -20.88 12.74 8.94
CA THR A 319 -22.06 13.38 8.37
C THR A 319 -22.64 12.54 7.26
N LYS A 320 -23.91 12.16 7.38
CA LYS A 320 -24.49 11.31 6.34
C LYS A 320 -24.96 12.18 5.18
N CYS A 321 -25.45 11.58 4.10
CA CYS A 321 -25.89 12.37 2.95
C CYS A 321 -27.31 12.82 3.29
N ASN A 322 -27.37 13.99 3.91
CA ASN A 322 -28.61 14.61 4.37
C ASN A 322 -29.07 15.73 3.37
N THR A 323 -28.26 16.05 2.36
CA THR A 323 -28.56 17.08 1.32
C THR A 323 -28.58 16.53 -0.12
N PRO A 324 -29.08 17.35 -1.09
CA PRO A 324 -29.15 16.90 -2.51
C PRO A 324 -27.85 16.70 -3.28
N ALA A 325 -26.90 17.63 -3.21
CA ALA A 325 -25.65 17.40 -3.91
C ALA A 325 -24.91 16.16 -3.33
N MET A 326 -25.16 15.85 -2.05
CA MET A 326 -24.52 14.72 -1.33
CA MET A 326 -24.50 14.73 -1.36
C MET A 326 -25.21 13.40 -1.61
N LYS A 327 -26.53 13.46 -1.72
CA LYS A 327 -27.30 12.28 -2.04
C LYS A 327 -26.95 11.83 -3.48
N GLN A 328 -26.61 12.78 -4.35
CA GLN A 328 -26.13 12.49 -5.71
C GLN A 328 -24.76 11.82 -5.71
N ILE A 329 -23.84 12.31 -4.85
CA ILE A 329 -22.54 11.65 -4.68
C ILE A 329 -22.75 10.20 -4.25
N LYS A 330 -23.59 9.96 -3.25
CA LYS A 330 -23.90 8.60 -2.80
C LYS A 330 -24.40 7.69 -3.94
N ARG A 331 -25.38 8.17 -4.70
CA ARG A 331 -25.91 7.40 -5.81
C ARG A 331 -24.86 7.09 -6.85
N LYS A 332 -23.97 8.04 -7.10
CA LYS A 332 -22.89 7.83 -8.05
C LYS A 332 -21.86 6.78 -7.59
N ILE A 333 -21.52 6.78 -6.31
CA ILE A 333 -20.66 5.73 -5.79
C ILE A 333 -21.37 4.35 -5.83
N GLN A 334 -22.65 4.32 -5.51
CA GLN A 334 -23.45 3.09 -5.69
C GLN A 334 -23.44 2.61 -7.15
N GLU A 335 -23.58 3.53 -8.10
CA GLU A 335 -23.53 3.17 -9.51
CA GLU A 335 -23.49 3.21 -9.53
C GLU A 335 -22.13 2.66 -9.89
N PHE A 336 -21.06 3.27 -9.35
CA PHE A 336 -19.69 2.80 -9.55
C PHE A 336 -19.55 1.35 -9.09
N HIS A 337 -20.09 1.06 -7.90
CA HIS A 337 -20.02 -0.29 -7.34
C HIS A 337 -20.64 -1.32 -8.27
N ARG A 338 -21.79 -1.01 -8.86
CA ARG A 338 -22.48 -2.02 -9.63
C ARG A 338 -22.07 -2.07 -11.11
N THR A 339 -21.23 -1.15 -11.58
CA THR A 339 -20.83 -1.12 -13.02
C THR A 339 -19.32 -1.36 -13.21
N MET A 340 -18.51 -1.07 -12.21
CA MET A 340 -17.05 -1.06 -12.41
C MET A 340 -16.43 -2.40 -12.81
N LEU A 341 -17.05 -3.53 -12.44
CA LEU A 341 -16.49 -4.83 -12.78
C LEU A 341 -16.55 -5.10 -14.30
N ASN A 342 -17.28 -4.25 -15.05
CA ASN A 342 -17.34 -4.31 -16.50
C ASN A 342 -16.28 -3.45 -17.21
N PHE A 343 -15.27 -3.02 -16.47
CA PHE A 343 -14.15 -2.28 -17.04
C PHE A 343 -12.90 -3.16 -16.97
N SER A 344 -11.96 -2.90 -17.88
CA SER A 344 -10.82 -3.82 -18.08
CA SER A 344 -10.80 -3.80 -18.10
C SER A 344 -9.55 -3.51 -17.28
N SER A 345 -9.46 -2.29 -16.70
CA SER A 345 -8.27 -1.80 -16.03
C SER A 345 -8.63 -0.51 -15.26
N ALA A 346 -7.75 -0.10 -14.36
CA ALA A 346 -7.91 1.21 -13.69
C ALA A 346 -7.87 2.35 -14.74
N THR A 347 -7.05 2.20 -15.79
CA THR A 347 -6.96 3.15 -16.90
C THR A 347 -8.34 3.32 -17.58
N ASP A 348 -9.00 2.22 -17.91
CA ASP A 348 -10.38 2.22 -18.48
CA ASP A 348 -10.31 2.34 -18.52
C ASP A 348 -11.34 2.95 -17.52
N LEU A 349 -11.30 2.56 -16.23
CA LEU A 349 -12.14 3.25 -15.22
C LEU A 349 -11.92 4.78 -15.19
N LEU A 350 -10.66 5.18 -15.08
CA LEU A 350 -10.37 6.63 -14.99
C LEU A 350 -10.83 7.40 -16.20
N CYS A 351 -10.60 6.84 -17.39
CA CYS A 351 -10.81 7.56 -18.63
C CYS A 351 -12.24 7.50 -19.13
N GLN A 352 -12.99 6.49 -18.68
CA GLN A 352 -14.34 6.20 -19.21
CA GLN A 352 -14.36 6.22 -19.20
C GLN A 352 -15.49 6.20 -18.20
N HIS A 353 -15.22 5.97 -16.92
CA HIS A 353 -16.31 5.92 -15.95
C HIS A 353 -16.92 7.27 -15.63
N SER A 354 -18.26 7.33 -15.60
CA SER A 354 -18.98 8.57 -15.29
C SER A 354 -18.66 9.19 -13.92
N LEU A 355 -18.23 8.40 -12.95
CA LEU A 355 -17.95 8.90 -11.59
C LEU A 355 -16.87 9.99 -11.67
N PHE A 356 -15.94 9.84 -12.62
CA PHE A 356 -14.80 10.76 -12.71
C PHE A 356 -14.95 11.87 -13.72
N LYS A 357 -16.19 12.10 -14.20
CA LYS A 357 -16.46 13.21 -15.10
C LYS A 357 -17.15 14.38 -14.39
C1 MPD B . 13.85 -2.88 -14.95
C2 MPD B . 13.26 -3.79 -13.87
O2 MPD B . 12.25 -3.04 -13.13
CM MPD B . 12.59 -4.99 -14.54
C3 MPD B . 14.30 -4.31 -12.89
C4 MPD B . 15.75 -3.80 -13.02
O4 MPD B . 15.81 -2.38 -13.27
C5 MPD B . 16.54 -4.10 -11.74
C1 MPD C . -15.50 -7.42 -19.63
C2 MPD C . -14.51 -7.67 -18.50
O2 MPD C . -14.44 -6.47 -17.73
CM MPD C . -15.00 -8.78 -17.58
C3 MPD C . -13.12 -7.96 -19.08
C4 MPD C . -12.04 -8.43 -18.09
O4 MPD C . -12.40 -9.66 -17.46
C5 MPD C . -10.71 -8.67 -18.80
S DMS D . -6.66 11.18 -18.09
O DMS D . -6.47 11.05 -19.60
C1 DMS D . -6.17 12.78 -17.66
C2 DMS D . -8.34 11.04 -17.72
C1 SIN E . 21.95 -0.22 -0.87
O1 SIN E . 21.75 0.22 -2.04
O2 SIN E . 22.04 0.54 0.13
C2 SIN E . 22.09 -1.71 -0.63
C3 SIN E . 21.43 -2.57 -1.73
C4 SIN E . 20.22 -3.32 -1.23
O3 SIN E . 19.48 -3.85 -2.08
O4 SIN E . 19.99 -3.39 0.01
C4 Q8Q F . 3.34 3.13 6.76
C5 Q8Q F . 4.48 4.54 5.45
C6 Q8Q F . 4.25 3.16 5.66
N1 Q8Q F . 2.69 2.13 7.41
C7 Q8Q F . 1.65 0.06 9.04
C8 Q8Q F . 1.04 -0.72 7.97
N2 Q8Q F . 3.09 4.49 7.05
C9 Q8Q F . 1.43 -2.67 6.57
C10 Q8Q F . 2.65 -3.11 5.77
C11 Q8Q F . 4.73 2.04 4.84
C12 Q8Q F . 5.52 2.30 3.72
N3 Q8Q F . 3.79 5.36 6.28
C13 Q8Q F . 5.84 1.28 2.85
C14 Q8Q F . 5.43 -0.02 3.11
C15 Q8Q F . 4.66 -0.30 4.23
N4 Q8Q F . 1.24 1.45 9.08
C2 Q8Q F . 1.45 3.80 8.59
C3 Q8Q F . 2.13 4.79 7.95
C16 Q8Q F . 4.33 0.73 5.11
C17 Q8Q F . 4.16 -1.70 4.40
O1 Q8Q F . 4.30 -2.53 3.52
N6 Q8Q F . 3.56 -1.99 5.57
N5 Q8Q F . 1.82 -1.92 7.75
C1 Q8Q F . 1.79 2.47 8.36
C18 Q8Q F . 1.94 -2.84 8.94
NA NA G . 4.00 9.83 -2.37
#